data_1H6E
#
_entry.id   1H6E
#
_cell.length_a   126.779
_cell.length_b   126.779
_cell.length_c   74.161
_cell.angle_alpha   90.00
_cell.angle_beta   90.00
_cell.angle_gamma   120.00
#
_symmetry.space_group_name_H-M   'P 64'
#
loop_
_entity.id
_entity.type
_entity.pdbx_description
1 polymer 'CLATHRIN COAT ASSEMBLY PROTEIN AP50'
2 polymer 'CYTOTOXIC T-LYMPHOCYTE PROTEIN 4'
#
loop_
_entity_poly.entity_id
_entity_poly.type
_entity_poly.pdbx_seq_one_letter_code
_entity_poly.pdbx_strand_id
1 'polypeptide(L)'
;HHHHHHEQKLISEEDLEGIKYRRNELFLDVLESVNLLMSPQGQVLSAHVSGRVVMKSYLSGMPECKFGMNDKIVIEKQGK
GTADETSKSGKQSIAIDDCTFHQCVRLSKFDSERSISFIPPDGEFELMRYRTTKDIILPFRVIPLVREVGRTKLEVKVVI
KSNFKPSLLAQKIEVRIPTPLNTSGVQVICMKGKAKYKASENAIVWKIKRMAGMKESQISAEIELLPTNDKKKWARPPIS
MNFEVPFAPSGLKVRYLKVFEPKLNYSDHDVIKWVRYIGRSGIYETRC
;
A
2 'polypeptide(L)' TTGVYVKMPPT P
#
# COMPACT_ATOMS: atom_id res chain seq x y z
N ILE A 19 -26.21 17.32 19.34
CA ILE A 19 -25.64 17.25 17.97
C ILE A 19 -25.48 18.64 17.36
N LYS A 20 -24.40 19.33 17.72
CA LYS A 20 -24.14 20.66 17.18
C LYS A 20 -22.68 21.07 17.42
N TYR A 21 -21.97 21.31 16.31
CA TYR A 21 -20.57 21.69 16.35
C TYR A 21 -20.39 23.08 15.75
N ARG A 22 -19.27 23.74 16.04
CA ARG A 22 -18.99 25.07 15.48
C ARG A 22 -18.03 24.93 14.28
N ARG A 23 -17.09 24.00 14.38
CA ARG A 23 -16.15 23.73 13.28
C ARG A 23 -16.67 22.47 12.66
N ASN A 24 -17.21 22.59 11.45
CA ASN A 24 -17.77 21.44 10.77
C ASN A 24 -16.76 20.77 9.84
N GLU A 25 -16.31 19.57 10.24
CA GLU A 25 -15.36 18.79 9.46
C GLU A 25 -15.84 17.35 9.33
N LEU A 26 -15.11 16.59 8.53
CA LEU A 26 -15.38 15.19 8.29
C LEU A 26 -14.12 14.69 7.60
N PHE A 27 -13.77 13.44 7.83
CA PHE A 27 -12.57 12.92 7.21
C PHE A 27 -12.87 11.60 6.53
N LEU A 28 -12.58 11.54 5.24
CA LEU A 28 -12.81 10.32 4.49
C LEU A 28 -11.57 9.46 4.43
N ASP A 29 -11.72 8.21 4.85
CA ASP A 29 -10.63 7.26 4.83
C ASP A 29 -10.83 6.20 3.76
N VAL A 30 -9.94 6.17 2.77
CA VAL A 30 -10.00 5.15 1.73
C VAL A 30 -8.84 4.22 2.02
N LEU A 31 -9.15 3.10 2.65
CA LEU A 31 -8.13 2.14 3.02
C LEU A 31 -8.08 0.99 2.02
N GLU A 32 -6.88 0.52 1.67
CA GLU A 32 -6.77 -0.58 0.71
C GLU A 32 -5.75 -1.63 1.08
N SER A 33 -5.76 -2.72 0.30
CA SER A 33 -4.84 -3.84 0.47
C SER A 33 -4.69 -4.53 -0.89
N VAL A 34 -3.71 -4.09 -1.67
CA VAL A 34 -3.46 -4.64 -2.98
C VAL A 34 -2.70 -5.94 -2.89
N ASN A 35 -3.25 -7.01 -3.46
CA ASN A 35 -2.58 -8.30 -3.44
C ASN A 35 -2.03 -8.66 -4.81
N LEU A 36 -0.81 -9.20 -4.84
CA LEU A 36 -0.20 -9.57 -6.10
C LEU A 36 0.31 -10.99 -6.10
N LEU A 37 0.66 -11.49 -7.28
CA LEU A 37 1.17 -12.85 -7.44
C LEU A 37 1.84 -12.91 -8.80
N MET A 38 3.15 -12.72 -8.83
CA MET A 38 3.90 -12.70 -10.09
C MET A 38 4.69 -13.96 -10.35
N SER A 39 5.17 -14.09 -11.58
CA SER A 39 5.98 -15.23 -12.01
C SER A 39 7.40 -14.71 -12.23
N PRO A 40 8.41 -15.56 -12.04
CA PRO A 40 9.80 -15.14 -12.21
C PRO A 40 10.04 -14.28 -13.45
N GLN A 41 9.34 -14.63 -14.53
CA GLN A 41 9.45 -13.92 -15.79
C GLN A 41 8.81 -12.54 -15.71
N GLY A 42 7.49 -12.49 -15.53
CA GLY A 42 6.82 -11.22 -15.43
C GLY A 42 5.31 -11.26 -15.60
N GLN A 43 4.75 -12.47 -15.49
CA GLN A 43 3.30 -12.62 -15.64
C GLN A 43 2.62 -12.36 -14.30
N VAL A 44 1.46 -11.71 -14.36
CA VAL A 44 0.70 -11.39 -13.16
C VAL A 44 -0.28 -12.52 -12.86
N LEU A 45 0.27 -13.69 -12.56
CA LEU A 45 -0.53 -14.89 -12.26
C LEU A 45 -1.82 -14.64 -11.50
N SER A 46 -1.81 -13.64 -10.63
CA SER A 46 -2.99 -13.31 -9.81
C SER A 46 -2.86 -11.94 -9.12
N ALA A 47 -3.97 -11.24 -8.91
CA ALA A 47 -3.95 -9.94 -8.25
C ALA A 47 -5.34 -9.37 -8.04
N HIS A 48 -5.48 -8.49 -7.06
CA HIS A 48 -6.76 -7.85 -6.72
C HIS A 48 -6.59 -6.94 -5.50
N VAL A 49 -7.61 -6.14 -5.17
CA VAL A 49 -7.53 -5.28 -3.98
C VAL A 49 -8.84 -5.32 -3.21
N SER A 50 -8.75 -5.28 -1.89
CA SER A 50 -9.94 -5.30 -1.05
C SER A 50 -9.96 -4.02 -0.25
N GLY A 51 -11.06 -3.28 -0.30
CA GLY A 51 -11.11 -2.04 0.42
C GLY A 51 -12.44 -1.64 1.04
N ARG A 52 -12.35 -0.78 2.06
CA ARG A 52 -13.50 -0.24 2.78
C ARG A 52 -13.21 1.24 3.01
N VAL A 53 -14.25 2.06 2.97
CA VAL A 53 -14.10 3.49 3.17
C VAL A 53 -14.75 3.96 4.46
N VAL A 54 -13.91 4.39 5.39
CA VAL A 54 -14.41 4.87 6.68
C VAL A 54 -14.50 6.37 6.65
N MET A 55 -15.60 6.88 7.18
CA MET A 55 -15.81 8.31 7.21
C MET A 55 -15.96 8.78 8.64
N LYS A 56 -14.96 9.52 9.13
CA LYS A 56 -15.01 10.07 10.49
C LYS A 56 -15.57 11.48 10.39
N SER A 57 -16.78 11.68 10.93
CA SER A 57 -17.43 12.98 10.86
C SER A 57 -17.90 13.58 12.18
N TYR A 58 -18.19 14.86 12.14
CA TYR A 58 -18.68 15.63 13.29
C TYR A 58 -19.51 16.76 12.68
N LEU A 59 -20.73 16.43 12.28
CA LEU A 59 -21.65 17.37 11.65
C LEU A 59 -22.90 17.70 12.48
N SER A 60 -23.32 18.97 12.41
CA SER A 60 -24.48 19.48 13.15
C SER A 60 -25.85 19.19 12.54
N GLY A 61 -26.65 18.40 13.24
CA GLY A 61 -27.98 18.04 12.76
C GLY A 61 -27.98 16.61 12.23
N MET A 62 -28.85 16.33 11.26
CA MET A 62 -28.91 15.01 10.67
C MET A 62 -29.04 15.18 9.16
N PRO A 63 -27.92 15.52 8.48
CA PRO A 63 -27.79 15.73 7.04
C PRO A 63 -27.78 14.48 6.17
N GLU A 64 -28.42 14.57 5.01
CA GLU A 64 -28.45 13.46 4.06
C GLU A 64 -27.34 13.76 3.05
N CYS A 65 -26.28 12.93 3.08
CA CYS A 65 -25.11 13.11 2.23
C CYS A 65 -25.12 12.45 0.84
N LYS A 66 -24.14 12.85 0.03
CA LYS A 66 -23.98 12.35 -1.33
C LYS A 66 -22.49 12.15 -1.62
N PHE A 67 -22.05 10.89 -1.63
CA PHE A 67 -20.67 10.51 -1.88
C PHE A 67 -20.41 10.43 -3.39
N GLY A 68 -19.14 10.51 -3.80
CA GLY A 68 -18.80 10.43 -5.21
C GLY A 68 -17.64 9.46 -5.38
N MET A 69 -17.26 9.14 -6.62
CA MET A 69 -16.14 8.23 -6.86
C MET A 69 -15.97 7.80 -8.32
N ASN A 70 -15.16 6.77 -8.53
CA ASN A 70 -14.91 6.25 -9.87
C ASN A 70 -15.52 4.87 -10.03
N ASP A 71 -14.76 3.95 -10.63
CA ASP A 71 -15.18 2.57 -10.86
C ASP A 71 -14.09 1.79 -11.58
N SER A 115 -21.11 6.44 -4.50
CA SER A 115 -22.12 7.47 -4.71
C SER A 115 -23.30 7.17 -3.79
N ILE A 116 -23.00 6.53 -2.67
CA ILE A 116 -24.02 6.15 -1.70
C ILE A 116 -24.52 7.33 -0.88
N SER A 117 -25.84 7.51 -0.87
CA SER A 117 -26.48 8.57 -0.10
C SER A 117 -26.80 8.02 1.28
N PHE A 118 -26.83 8.90 2.27
CA PHE A 118 -27.11 8.47 3.64
C PHE A 118 -27.11 9.64 4.61
N ILE A 119 -27.33 9.30 5.88
CA ILE A 119 -27.33 10.27 6.96
C ILE A 119 -26.38 9.67 8.01
N PRO A 120 -25.09 10.04 7.93
CA PRO A 120 -23.93 9.64 8.76
C PRO A 120 -24.10 9.64 10.27
N PRO A 121 -23.83 8.48 10.91
CA PRO A 121 -23.93 8.25 12.35
C PRO A 121 -22.90 9.05 13.13
N ASP A 122 -23.04 10.37 13.05
CA ASP A 122 -22.15 11.32 13.73
C ASP A 122 -21.13 10.66 14.66
N GLY A 123 -19.90 10.56 14.17
CA GLY A 123 -18.83 9.94 14.95
C GLY A 123 -17.83 9.24 14.06
N GLU A 124 -18.10 7.98 13.76
CA GLU A 124 -17.22 7.16 12.92
C GLU A 124 -17.97 5.93 12.40
N PHE A 125 -17.83 5.65 11.11
CA PHE A 125 -18.51 4.51 10.51
C PHE A 125 -17.99 4.16 9.12
N GLU A 126 -17.65 2.89 8.94
CA GLU A 126 -17.16 2.40 7.65
C GLU A 126 -18.27 2.52 6.63
N LEU A 127 -18.21 3.57 5.80
CA LEU A 127 -19.25 3.79 4.82
C LEU A 127 -19.57 2.53 4.02
N MET A 128 -18.78 2.24 2.99
CA MET A 128 -19.01 1.04 2.18
C MET A 128 -17.79 0.13 2.29
N ARG A 129 -17.63 -0.76 1.32
CA ARG A 129 -16.48 -1.66 1.30
C ARG A 129 -16.42 -2.44 0.01
N TYR A 130 -15.60 -1.95 -0.92
CA TYR A 130 -15.44 -2.56 -2.23
C TYR A 130 -14.36 -3.64 -2.30
N ARG A 131 -14.14 -4.18 -3.51
CA ARG A 131 -13.14 -5.22 -3.73
C ARG A 131 -12.80 -5.41 -5.22
N THR A 132 -12.11 -4.47 -5.84
CA THR A 132 -11.77 -4.55 -7.27
C THR A 132 -10.81 -5.67 -7.67
N THR A 133 -10.89 -6.08 -8.93
CA THR A 133 -10.06 -7.15 -9.46
C THR A 133 -9.48 -6.89 -10.85
N LYS A 134 -10.02 -5.90 -11.55
CA LYS A 134 -9.55 -5.58 -12.89
C LYS A 134 -8.79 -4.25 -12.97
N ASP A 135 -7.77 -4.22 -13.81
CA ASP A 135 -6.97 -3.03 -14.02
C ASP A 135 -6.45 -2.51 -12.69
N ILE A 136 -5.55 -3.26 -12.07
CA ILE A 136 -5.01 -2.88 -10.77
C ILE A 136 -3.60 -2.30 -10.83
N ILE A 137 -3.33 -1.35 -9.92
CA ILE A 137 -2.01 -0.71 -9.86
C ILE A 137 -1.07 -1.46 -8.93
N LEU A 138 -0.03 -2.07 -9.49
CA LEU A 138 0.93 -2.78 -8.66
C LEU A 138 2.01 -1.80 -8.22
N PRO A 139 1.95 -1.33 -6.96
CA PRO A 139 2.91 -0.39 -6.39
C PRO A 139 4.40 -0.70 -6.58
N PHE A 140 4.78 -1.97 -6.53
CA PHE A 140 6.19 -2.34 -6.71
C PHE A 140 6.37 -3.46 -7.70
N ARG A 141 7.55 -3.53 -8.29
CA ARG A 141 7.86 -4.55 -9.29
C ARG A 141 9.17 -5.25 -8.92
N VAL A 142 9.07 -6.39 -8.26
CA VAL A 142 10.23 -7.16 -7.83
C VAL A 142 10.73 -8.03 -8.97
N ILE A 143 12.04 -8.10 -9.13
CA ILE A 143 12.64 -8.90 -10.19
C ILE A 143 13.99 -9.41 -9.73
N PRO A 144 14.09 -10.72 -9.45
CA PRO A 144 15.32 -11.37 -8.98
C PRO A 144 16.14 -12.15 -9.99
N LEU A 145 17.40 -12.38 -9.65
CA LEU A 145 18.32 -13.13 -10.50
C LEU A 145 19.09 -14.10 -9.61
N VAL A 146 18.90 -15.40 -9.85
CA VAL A 146 19.59 -16.41 -9.06
C VAL A 146 20.63 -17.09 -9.92
N ARG A 147 21.84 -17.23 -9.39
CA ARG A 147 22.88 -17.89 -10.14
C ARG A 147 23.48 -18.96 -9.24
N GLU A 148 23.57 -20.16 -9.78
CA GLU A 148 24.13 -21.30 -9.08
C GLU A 148 25.63 -21.30 -9.25
N VAL A 149 26.30 -22.18 -8.53
CA VAL A 149 27.75 -22.27 -8.62
C VAL A 149 28.08 -23.75 -8.42
N GLY A 150 28.89 -24.04 -7.42
CA GLY A 150 29.22 -25.42 -7.14
C GLY A 150 28.10 -25.94 -6.27
N ARG A 151 28.30 -25.87 -4.97
CA ARG A 151 27.30 -26.29 -4.00
C ARG A 151 27.75 -25.55 -2.76
N THR A 152 28.71 -24.66 -3.00
CA THR A 152 29.31 -23.84 -1.98
C THR A 152 28.64 -22.48 -1.80
N LYS A 153 28.25 -21.84 -2.91
CA LYS A 153 27.61 -20.53 -2.82
C LYS A 153 26.37 -20.39 -3.69
N LEU A 154 25.52 -19.43 -3.33
CA LEU A 154 24.28 -19.17 -4.07
C LEU A 154 24.21 -17.69 -4.41
N GLU A 155 24.33 -17.36 -5.70
CA GLU A 155 24.29 -15.96 -6.16
C GLU A 155 22.84 -15.48 -6.32
N VAL A 156 22.46 -14.47 -5.56
CA VAL A 156 21.09 -13.94 -5.58
C VAL A 156 21.01 -12.43 -5.58
N LYS A 157 20.37 -11.85 -6.60
CA LYS A 157 20.21 -10.40 -6.70
C LYS A 157 18.74 -10.05 -7.00
N VAL A 158 18.10 -9.33 -6.10
CA VAL A 158 16.72 -8.94 -6.30
C VAL A 158 16.71 -7.46 -6.52
N VAL A 159 15.67 -6.96 -7.20
CA VAL A 159 15.55 -5.54 -7.46
C VAL A 159 14.10 -5.15 -7.38
N ILE A 160 13.82 -4.07 -6.65
CA ILE A 160 12.44 -3.61 -6.52
C ILE A 160 12.29 -2.39 -7.41
N LYS A 161 11.08 -2.15 -7.89
CA LYS A 161 10.78 -0.99 -8.71
C LYS A 161 9.48 -0.36 -8.26
N SER A 162 9.48 0.97 -8.21
CA SER A 162 8.32 1.74 -7.79
C SER A 162 7.61 2.31 -9.01
N ASN A 163 6.35 1.93 -9.22
CA ASN A 163 5.61 2.43 -10.37
C ASN A 163 4.61 3.54 -10.07
N PHE A 164 5.06 4.68 -9.55
CA PHE A 164 4.13 5.77 -9.28
C PHE A 164 4.71 7.19 -9.22
N LYS A 165 3.84 8.15 -9.54
CA LYS A 165 4.10 9.60 -9.56
C LYS A 165 5.21 10.01 -8.56
N PRO A 166 6.35 10.50 -9.08
CA PRO A 166 7.50 10.93 -8.27
C PRO A 166 7.13 11.82 -7.09
N SER A 167 5.95 12.41 -7.16
CA SER A 167 5.49 13.30 -6.11
C SER A 167 4.93 12.56 -4.89
N LEU A 168 5.14 11.24 -4.86
CA LEU A 168 4.64 10.42 -3.76
C LEU A 168 5.74 9.56 -3.13
N LEU A 169 5.68 9.40 -1.81
CA LEU A 169 6.68 8.61 -1.11
C LEU A 169 6.15 7.38 -0.41
N ALA A 170 6.51 6.21 -0.94
CA ALA A 170 6.08 4.95 -0.34
C ALA A 170 7.01 4.69 0.83
N GLN A 171 6.44 4.34 1.98
CA GLN A 171 7.23 4.09 3.18
C GLN A 171 6.92 2.78 3.88
N LYS A 172 7.81 2.40 4.79
CA LYS A 172 7.68 1.16 5.53
C LYS A 172 7.88 0.01 4.56
N ILE A 173 8.90 0.12 3.69
CA ILE A 173 9.17 -0.93 2.70
C ILE A 173 10.02 -2.04 3.25
N GLU A 174 9.75 -3.25 2.79
CA GLU A 174 10.48 -4.42 3.25
C GLU A 174 10.37 -5.58 2.27
N VAL A 175 11.52 -6.15 1.91
CA VAL A 175 11.55 -7.28 1.01
C VAL A 175 12.09 -8.43 1.84
N ARG A 176 11.58 -9.63 1.59
CA ARG A 176 12.03 -10.80 2.31
C ARG A 176 12.51 -11.84 1.30
N ILE A 177 13.80 -11.85 0.99
CA ILE A 177 14.32 -12.83 0.05
C ILE A 177 14.65 -14.03 0.90
N PRO A 178 13.88 -15.11 0.75
CA PRO A 178 14.10 -16.33 1.53
C PRO A 178 15.35 -17.13 1.13
N THR A 179 16.01 -17.72 2.12
CA THR A 179 17.19 -18.50 1.87
C THR A 179 16.80 -19.96 2.02
N PRO A 180 17.74 -20.90 1.80
CA PRO A 180 17.50 -22.34 1.92
C PRO A 180 17.92 -22.77 3.30
N LEU A 181 17.82 -24.06 3.60
CA LEU A 181 18.17 -24.55 4.93
C LEU A 181 19.63 -24.99 5.07
N ASN A 182 20.33 -25.11 3.95
CA ASN A 182 21.74 -25.48 3.94
C ASN A 182 22.54 -24.19 3.95
N THR A 183 22.00 -23.19 4.64
CA THR A 183 22.63 -21.89 4.72
C THR A 183 23.70 -21.86 5.79
N SER A 184 24.89 -21.42 5.39
CA SER A 184 26.04 -21.31 6.29
C SER A 184 26.24 -19.86 6.70
N GLY A 185 26.14 -18.97 5.73
CA GLY A 185 26.32 -17.54 5.99
C GLY A 185 25.81 -16.71 4.83
N VAL A 186 25.27 -15.54 5.13
CA VAL A 186 24.76 -14.67 4.09
C VAL A 186 25.50 -13.35 4.09
N GLN A 187 25.92 -12.95 2.90
CA GLN A 187 26.63 -11.69 2.72
C GLN A 187 25.71 -10.84 1.85
N VAL A 188 25.67 -9.54 2.10
CA VAL A 188 24.81 -8.67 1.31
C VAL A 188 25.31 -7.25 1.27
N ILE A 189 25.04 -6.56 0.16
CA ILE A 189 25.42 -5.16 0.02
C ILE A 189 24.24 -4.43 -0.61
N CYS A 190 24.00 -3.20 -0.19
CA CYS A 190 22.87 -2.43 -0.72
C CYS A 190 23.05 -0.93 -0.54
N MET A 191 23.45 -0.25 -1.61
CA MET A 191 23.67 1.19 -1.57
C MET A 191 22.52 1.93 -0.91
N LYS A 192 21.38 1.27 -0.81
CA LYS A 192 20.21 1.91 -0.22
C LYS A 192 19.50 0.97 0.74
N GLY A 193 19.02 1.49 1.86
CA GLY A 193 18.31 0.65 2.81
C GLY A 193 19.18 0.07 3.92
N LYS A 194 18.80 -1.12 4.41
CA LYS A 194 19.54 -1.79 5.49
C LYS A 194 18.96 -3.18 5.76
N ALA A 195 19.71 -4.23 5.39
CA ALA A 195 19.25 -5.61 5.55
C ALA A 195 20.10 -6.47 6.46
N LYS A 196 19.55 -7.61 6.86
CA LYS A 196 20.25 -8.56 7.72
C LYS A 196 19.66 -9.93 7.43
N TYR A 197 20.40 -10.98 7.76
CA TYR A 197 19.95 -12.35 7.52
C TYR A 197 19.46 -13.02 8.80
N LYS A 198 18.16 -12.95 9.04
CA LYS A 198 17.56 -13.53 10.24
C LYS A 198 17.43 -15.04 10.07
N ALA A 199 18.35 -15.77 10.72
CA ALA A 199 18.41 -17.23 10.67
C ALA A 199 17.21 -17.96 11.24
N SER A 200 16.53 -17.34 12.21
CA SER A 200 15.36 -17.94 12.80
C SER A 200 14.20 -17.94 11.80
N GLU A 201 13.69 -16.76 11.46
CA GLU A 201 12.60 -16.65 10.50
C GLU A 201 13.09 -17.29 9.20
N ASN A 202 14.39 -17.17 8.95
CA ASN A 202 15.07 -17.74 7.77
C ASN A 202 14.88 -16.97 6.45
N ALA A 203 15.52 -15.82 6.36
CA ALA A 203 15.44 -14.99 5.17
C ALA A 203 16.29 -13.74 5.35
N ILE A 204 16.42 -12.97 4.28
CA ILE A 204 17.23 -11.77 4.31
C ILE A 204 16.37 -10.53 4.38
N VAL A 205 15.75 -10.29 5.54
CA VAL A 205 14.91 -9.11 5.68
C VAL A 205 15.70 -7.88 5.25
N TRP A 206 15.18 -7.21 4.22
CA TRP A 206 15.79 -6.00 3.66
C TRP A 206 14.78 -4.87 3.83
N LYS A 207 15.02 -3.98 4.78
CA LYS A 207 14.09 -2.89 5.00
C LYS A 207 14.54 -1.56 4.41
N ILE A 208 13.56 -0.77 4.00
CA ILE A 208 13.81 0.53 3.39
C ILE A 208 12.95 1.57 4.09
N LYS A 209 13.57 2.66 4.54
CA LYS A 209 12.83 3.71 5.23
C LYS A 209 11.71 4.29 4.38
N ARG A 210 12.07 5.03 3.33
CA ARG A 210 11.10 5.64 2.44
C ARG A 210 11.67 5.62 1.03
N MET A 211 10.82 5.46 0.03
CA MET A 211 11.29 5.44 -1.36
C MET A 211 10.39 6.22 -2.31
N ALA A 212 11.02 7.05 -3.13
CA ALA A 212 10.28 7.87 -4.08
C ALA A 212 9.73 6.96 -5.18
N GLY A 213 9.03 7.56 -6.15
CA GLY A 213 8.45 6.77 -7.22
C GLY A 213 9.21 6.72 -8.53
N MET A 214 9.00 5.63 -9.27
CA MET A 214 9.63 5.43 -10.56
C MET A 214 11.15 5.16 -10.52
N LYS A 215 11.72 5.14 -9.31
CA LYS A 215 13.15 4.88 -9.13
C LYS A 215 13.49 3.39 -9.01
N GLU A 216 14.79 3.07 -9.07
CA GLU A 216 15.27 1.69 -8.96
C GLU A 216 16.14 1.49 -7.74
N SER A 217 16.32 0.23 -7.34
CA SER A 217 17.11 -0.09 -6.16
C SER A 217 17.45 -1.57 -6.08
N GLN A 218 18.74 -1.92 -6.18
CA GLN A 218 19.16 -3.32 -6.14
C GLN A 218 19.80 -3.73 -4.82
N ILE A 219 19.68 -5.03 -4.50
CA ILE A 219 20.26 -5.61 -3.29
C ILE A 219 20.91 -6.93 -3.69
N SER A 220 22.23 -6.94 -3.67
CA SER A 220 22.99 -8.14 -4.05
C SER A 220 23.50 -8.89 -2.83
N ALA A 221 23.09 -10.15 -2.70
CA ALA A 221 23.49 -11.01 -1.59
C ALA A 221 24.28 -12.21 -2.08
N GLU A 222 24.82 -13.00 -1.14
CA GLU A 222 25.52 -14.21 -1.50
C GLU A 222 25.27 -15.22 -0.40
N ILE A 223 24.54 -16.27 -0.74
CA ILE A 223 24.21 -17.31 0.23
C ILE A 223 25.26 -18.40 0.21
N GLU A 224 26.09 -18.47 1.25
CA GLU A 224 27.12 -19.50 1.33
C GLU A 224 26.42 -20.81 1.68
N LEU A 225 26.28 -21.67 0.68
CA LEU A 225 25.61 -22.95 0.86
C LEU A 225 26.26 -23.82 1.90
N LEU A 226 25.73 -25.03 2.03
CA LEU A 226 26.26 -25.99 2.99
C LEU A 226 26.19 -27.38 2.36
N PRO A 227 27.25 -28.18 2.55
CA PRO A 227 27.30 -29.53 1.99
C PRO A 227 26.03 -30.35 2.27
N THR A 228 25.44 -30.86 1.19
CA THR A 228 24.23 -31.69 1.25
C THR A 228 23.65 -31.87 -0.15
N PRO A 237 10.44 -21.06 -2.54
CA PRO A 237 9.59 -19.96 -2.04
C PRO A 237 9.85 -18.67 -2.79
N PRO A 238 8.88 -17.74 -2.78
CA PRO A 238 8.95 -16.44 -3.44
C PRO A 238 9.35 -15.31 -2.53
N ILE A 239 9.86 -14.24 -3.13
CA ILE A 239 10.28 -13.08 -2.37
C ILE A 239 9.01 -12.31 -2.03
N SER A 240 8.72 -12.22 -0.75
CA SER A 240 7.55 -11.49 -0.29
C SER A 240 7.91 -10.04 -0.12
N MET A 241 6.97 -9.15 -0.41
CA MET A 241 7.22 -7.74 -0.25
C MET A 241 6.16 -7.11 0.65
N ASN A 242 6.43 -5.89 1.12
CA ASN A 242 5.50 -5.19 2.00
C ASN A 242 5.66 -3.69 1.80
N PHE A 243 4.59 -2.93 2.03
CA PHE A 243 4.67 -1.50 1.83
C PHE A 243 3.40 -0.69 2.07
N GLU A 244 3.58 0.56 2.50
CA GLU A 244 2.45 1.48 2.72
C GLU A 244 2.62 2.51 1.62
N VAL A 245 1.50 3.05 1.14
CA VAL A 245 1.52 4.08 0.08
C VAL A 245 0.57 5.24 0.41
N PRO A 246 0.64 6.34 -0.35
CA PRO A 246 -0.23 7.50 -0.11
C PRO A 246 -1.47 7.44 -1.00
N PHE A 247 -1.38 6.64 -2.06
CA PHE A 247 -2.46 6.51 -3.02
C PHE A 247 -3.18 5.17 -2.91
N ALA A 248 -4.32 5.08 -3.57
CA ALA A 248 -5.11 3.87 -3.57
C ALA A 248 -4.84 3.07 -4.82
N PRO A 249 -4.38 1.83 -4.64
CA PRO A 249 -4.09 0.98 -5.81
C PRO A 249 -5.34 0.65 -6.62
N SER A 250 -6.49 0.56 -5.97
CA SER A 250 -7.76 0.22 -6.64
C SER A 250 -8.15 1.18 -7.76
N GLY A 251 -7.63 2.40 -7.70
CA GLY A 251 -7.94 3.37 -8.73
C GLY A 251 -9.03 4.31 -8.27
N LEU A 252 -9.72 3.90 -7.21
CA LEU A 252 -10.79 4.68 -6.63
C LEU A 252 -10.33 6.11 -6.35
N LYS A 253 -11.28 7.01 -6.14
CA LYS A 253 -11.00 8.41 -5.84
C LYS A 253 -12.29 9.06 -5.36
N VAL A 254 -12.23 9.79 -4.25
CA VAL A 254 -13.42 10.46 -3.73
C VAL A 254 -13.62 11.73 -4.53
N ARG A 255 -14.71 11.78 -5.28
CA ARG A 255 -15.05 12.92 -6.10
C ARG A 255 -15.71 14.02 -5.28
N TYR A 256 -16.77 13.67 -4.56
CA TYR A 256 -17.48 14.64 -3.74
C TYR A 256 -18.22 14.03 -2.54
N LEU A 257 -18.53 14.90 -1.58
CA LEU A 257 -19.27 14.50 -0.39
C LEU A 257 -20.14 15.69 0.00
N LYS A 258 -21.33 15.76 -0.58
CA LYS A 258 -22.26 16.84 -0.29
C LYS A 258 -22.88 16.72 1.10
N VAL A 259 -22.60 17.70 1.94
CA VAL A 259 -23.12 17.75 3.30
C VAL A 259 -24.39 18.58 3.28
N PHE A 260 -25.53 17.97 3.55
CA PHE A 260 -26.78 18.72 3.53
C PHE A 260 -27.75 18.48 4.69
N GLU A 261 -27.92 19.51 5.51
CA GLU A 261 -28.84 19.51 6.65
C GLU A 261 -29.79 20.66 6.34
N PRO A 262 -30.88 20.37 5.62
CA PRO A 262 -31.87 21.39 5.25
C PRO A 262 -32.41 22.22 6.42
N LYS A 263 -32.45 21.63 7.60
CA LYS A 263 -32.98 22.34 8.76
C LYS A 263 -32.11 23.52 9.18
N LEU A 264 -30.85 23.25 9.51
CA LEU A 264 -29.92 24.28 9.97
C LEU A 264 -29.21 25.13 8.91
N ASN A 265 -28.80 26.31 9.32
CA ASN A 265 -28.15 27.31 8.48
C ASN A 265 -26.74 27.08 7.92
N TYR A 266 -26.13 25.93 8.15
CA TYR A 266 -24.79 25.74 7.59
C TYR A 266 -24.85 25.00 6.27
N SER A 267 -24.17 25.56 5.27
CA SER A 267 -24.15 25.00 3.93
C SER A 267 -23.12 23.91 3.67
N ASP A 268 -23.14 23.36 2.47
CA ASP A 268 -22.21 22.30 2.08
C ASP A 268 -20.84 22.88 1.79
N HIS A 269 -20.77 23.78 0.82
CA HIS A 269 -19.48 24.41 0.52
C HIS A 269 -19.19 25.34 1.68
N ASP A 270 -19.65 24.93 2.86
CA ASP A 270 -19.49 25.67 4.11
C ASP A 270 -18.81 24.73 5.11
N VAL A 271 -18.62 23.49 4.70
CA VAL A 271 -17.99 22.45 5.51
C VAL A 271 -16.52 22.26 5.10
N ILE A 272 -15.73 21.71 6.01
CA ILE A 272 -14.33 21.47 5.72
C ILE A 272 -14.22 19.97 5.47
N LYS A 273 -13.86 19.60 4.24
CA LYS A 273 -13.74 18.19 3.91
C LYS A 273 -12.28 17.73 3.83
N TRP A 274 -12.03 16.53 4.34
CA TRP A 274 -10.70 15.94 4.34
C TRP A 274 -10.77 14.50 3.81
N VAL A 275 -9.80 14.13 2.98
CA VAL A 275 -9.75 12.76 2.45
C VAL A 275 -8.32 12.30 2.30
N ARG A 276 -8.09 11.04 2.68
CA ARG A 276 -6.76 10.43 2.60
C ARG A 276 -6.78 9.02 2.00
N TYR A 277 -5.73 8.70 1.25
CA TYR A 277 -5.64 7.39 0.64
C TYR A 277 -4.52 6.57 1.27
N ILE A 278 -4.88 5.40 1.78
CA ILE A 278 -3.94 4.51 2.44
C ILE A 278 -3.97 3.08 1.90
N GLY A 279 -2.94 2.75 1.13
CA GLY A 279 -2.83 1.42 0.54
C GLY A 279 -1.78 0.56 1.21
N ARG A 280 -2.25 -0.54 1.82
CA ARG A 280 -1.38 -1.48 2.51
C ARG A 280 -1.14 -2.65 1.55
N SER A 281 -0.02 -3.33 1.72
CA SER A 281 0.28 -4.47 0.88
C SER A 281 0.07 -5.76 1.69
N GLY A 282 -0.88 -6.58 1.26
CA GLY A 282 -1.15 -7.82 1.96
C GLY A 282 -0.28 -9.00 1.53
N ILE A 283 -0.64 -9.61 0.41
CA ILE A 283 0.12 -10.74 -0.11
C ILE A 283 0.79 -10.31 -1.42
N TYR A 284 2.00 -9.79 -1.31
CA TYR A 284 2.74 -9.31 -2.47
C TYR A 284 3.99 -10.20 -2.69
N GLU A 285 3.73 -11.44 -3.09
CA GLU A 285 4.79 -12.42 -3.33
C GLU A 285 5.16 -12.46 -4.81
N THR A 286 6.42 -12.79 -5.09
CA THR A 286 6.91 -12.86 -6.46
C THR A 286 7.76 -14.13 -6.58
N ARG A 287 7.34 -15.10 -7.39
CA ARG A 287 8.10 -16.36 -7.53
C ARG A 287 9.54 -16.09 -7.94
N CYS A 288 10.47 -16.76 -7.27
CA CYS A 288 11.90 -16.59 -7.54
C CYS A 288 12.31 -17.32 -8.82
N THR B 1 4.67 11.48 3.50
CA THR B 1 3.23 11.58 3.92
C THR B 1 2.52 10.24 3.72
N THR B 2 1.81 9.78 4.74
CA THR B 2 1.07 8.53 4.60
C THR B 2 -0.20 8.55 5.40
N GLY B 3 -0.24 9.34 6.45
CA GLY B 3 -1.45 9.42 7.26
C GLY B 3 -2.02 10.80 7.15
N VAL B 4 -1.18 11.73 6.70
CA VAL B 4 -1.56 13.12 6.53
C VAL B 4 -2.79 13.17 5.67
N TYR B 5 -3.76 13.97 6.08
CA TYR B 5 -4.99 14.14 5.32
C TYR B 5 -4.76 15.22 4.28
N VAL B 6 -5.73 15.39 3.39
CA VAL B 6 -5.64 16.43 2.37
C VAL B 6 -7.03 16.94 2.04
N LYS B 7 -7.14 18.26 1.87
CA LYS B 7 -8.38 18.94 1.56
C LYS B 7 -8.92 18.46 0.22
N MET B 8 -10.22 18.22 0.16
CA MET B 8 -10.86 17.79 -1.07
C MET B 8 -11.03 19.00 -1.94
N PRO B 9 -11.13 18.80 -3.26
CA PRO B 9 -11.30 19.88 -4.24
C PRO B 9 -12.72 20.09 -4.82
N PRO B 10 -13.71 20.39 -3.96
CA PRO B 10 -15.10 20.61 -4.39
C PRO B 10 -15.23 21.76 -5.39
#